data_9GNS
#
_entry.id   9GNS
#
_cell.length_a   106.921
_cell.length_b   106.921
_cell.length_c   219.752
_cell.angle_alpha   90.000
_cell.angle_beta   90.000
_cell.angle_gamma   120.000
#
_symmetry.space_group_name_H-M   'P 61 2 2'
#
loop_
_entity.id
_entity.type
_entity.pdbx_description
1 polymer 'Aromatic-L-amino-acid decarboxylase'
2 non-polymer "PYRIDOXAL-5'-PHOSPHATE"
3 non-polymer CARBIDOPA
4 non-polymer 'TETRAETHYLENE GLYCOL'
5 water water
#
_entity_poly.entity_id   1
_entity_poly.type   'polypeptide(L)'
_entity_poly.pdbx_seq_one_letter_code
;MNASEFRRRGKEMVDYVANYMEGIEGRQVYPDVEPGYLRPLIPAAAPQEPDTFEDIINDVEKIIMPGVTHWHSPYFFAYF
PTASSYPAMLADMLCGAIGCIGFSWAASPACTELETVMMDWLGKMLELPKAFLNEKAGEGGGVIQGSASEATLVALLAAR
TKVIHRLQAASPELTQAAIMEKLVAYSSDQAHSSVERAGLIGGVKLKAIPSDGNFAMRASALQEALERDKAAGLIPFFMV
ATLGTTTCCSFDNLLEVGPICNKEDIWLHVDAAYAGSAFICPEFRHLLNGVEFADSFNFNPHKWLLVNFDCSAMWVKKRT
DLTGAFRLDPTYLKHSHQDSGLITDYRHWQIPLGRRFRSLKMWFVFRMYGVKGLQAYIRKHVQLSHEFESLVRQDPRFEI
CVEVILGLVCFRLKGSNKVNEALLQRINSAKKIHLVPCHLRDKFVLRFAICSRTVESAHVQRAWEHIKELAADVLRAERE
;
_entity_poly.pdbx_strand_id   A
#
# COMPACT_ATOMS: atom_id res chain seq x y z
N MET A 1 8.10 -32.40 13.92
CA MET A 1 6.74 -32.85 13.64
C MET A 1 6.70 -33.71 12.39
N ASN A 2 5.90 -34.78 12.42
CA ASN A 2 5.56 -35.49 11.20
C ASN A 2 4.19 -35.04 10.72
N ALA A 3 3.79 -35.56 9.54
CA ALA A 3 2.55 -35.11 8.91
C ALA A 3 1.31 -35.49 9.72
N SER A 4 1.34 -36.64 10.41
CA SER A 4 0.19 -37.05 11.20
C SER A 4 -0.04 -36.11 12.37
N GLU A 5 1.03 -35.64 13.01
CA GLU A 5 0.89 -34.65 14.06
C GLU A 5 0.45 -33.31 13.51
N PHE A 6 0.90 -32.96 12.31
CA PHE A 6 0.43 -31.72 11.69
C PHE A 6 -1.05 -31.79 11.35
N ARG A 7 -1.56 -32.96 10.96
CA ARG A 7 -3.00 -33.09 10.75
C ARG A 7 -3.77 -32.66 11.97
N ARG A 8 -3.32 -33.10 13.15
CA ARG A 8 -4.01 -32.74 14.38
C ARG A 8 -3.78 -31.27 14.73
N ARG A 9 -2.51 -30.84 14.76
CA ARG A 9 -2.22 -29.48 15.20
C ARG A 9 -2.66 -28.44 14.18
N GLY A 10 -2.57 -28.77 12.88
CA GLY A 10 -3.02 -27.82 11.87
C GLY A 10 -4.51 -27.55 11.95
N LYS A 11 -5.29 -28.59 12.24
CA LYS A 11 -6.72 -28.38 12.43
C LYS A 11 -7.00 -27.61 13.71
N GLU A 12 -6.20 -27.81 14.76
CA GLU A 12 -6.37 -27.00 15.97
C GLU A 12 -6.02 -25.54 15.70
N MET A 13 -4.99 -25.29 14.89
CA MET A 13 -4.67 -23.93 14.46
C MET A 13 -5.79 -23.30 13.66
N VAL A 14 -6.41 -24.05 12.75
CA VAL A 14 -7.54 -23.52 11.99
C VAL A 14 -8.63 -23.07 12.95
N ASP A 15 -8.94 -23.89 13.96
CA ASP A 15 -9.95 -23.49 14.94
C ASP A 15 -9.51 -22.27 15.73
N TYR A 16 -8.22 -22.19 16.08
CA TYR A 16 -7.73 -21.03 16.83
C TYR A 16 -7.85 -19.76 16.00
N VAL A 17 -7.50 -19.83 14.72
CA VAL A 17 -7.57 -18.67 13.85
C VAL A 17 -9.02 -18.20 13.70
N ALA A 18 -9.92 -19.15 13.44
CA ALA A 18 -11.33 -18.82 13.29
C ALA A 18 -11.92 -18.27 14.58
N ASN A 19 -11.49 -18.80 15.72
CA ASN A 19 -11.95 -18.25 17.00
C ASN A 19 -11.47 -16.82 17.18
N TYR A 20 -10.19 -16.56 16.90
CA TYR A 20 -9.68 -15.20 17.02
C TYR A 20 -10.46 -14.25 16.13
N MET A 21 -10.71 -14.66 14.89
CA MET A 21 -11.43 -13.83 13.94
C MET A 21 -12.88 -13.60 14.37
N GLU A 22 -13.53 -14.64 14.91
CA GLU A 22 -14.93 -14.49 15.29
C GLU A 22 -15.10 -13.67 16.57
N GLY A 23 -14.08 -13.63 17.41
CA GLY A 23 -14.15 -12.83 18.62
C GLY A 23 -13.48 -11.48 18.53
N ILE A 24 -13.01 -11.09 17.35
CA ILE A 24 -12.06 -9.97 17.26
C ILE A 24 -12.69 -8.65 17.69
N GLU A 25 -14.01 -8.52 17.61
CA GLU A 25 -14.65 -7.29 18.06
C GLU A 25 -14.54 -7.11 19.56
N GLY A 26 -14.32 -8.19 20.32
CA GLY A 26 -14.09 -8.10 21.74
C GLY A 26 -12.67 -7.75 22.12
N ARG A 27 -11.76 -7.65 21.15
CA ARG A 27 -10.39 -7.26 21.43
C ARG A 27 -10.28 -5.74 21.50
N GLN A 28 -9.49 -5.27 22.46
CA GLN A 28 -9.06 -3.88 22.44
C GLN A 28 -8.14 -3.67 21.25
N VAL A 29 -8.48 -2.72 20.38
CA VAL A 29 -7.81 -2.63 19.09
C VAL A 29 -6.34 -2.28 19.25
N TYR A 30 -6.03 -1.30 20.13
CA TYR A 30 -4.66 -0.88 20.33
C TYR A 30 -4.17 -1.30 21.72
N PRO A 31 -2.93 -1.79 21.83
CA PRO A 31 -2.50 -2.44 23.08
C PRO A 31 -2.12 -1.45 24.18
N ASP A 32 -2.11 -1.99 25.41
CA ASP A 32 -1.69 -1.26 26.60
C ASP A 32 -0.23 -1.50 26.97
N VAL A 33 0.46 -2.43 26.30
CA VAL A 33 1.86 -2.70 26.65
C VAL A 33 2.72 -1.50 26.32
N GLU A 34 3.88 -1.44 26.97
CA GLU A 34 4.89 -0.42 26.74
C GLU A 34 6.06 -1.02 25.97
N PRO A 35 6.84 -0.21 25.26
CA PRO A 35 7.98 -0.75 24.50
C PRO A 35 8.94 -1.50 25.42
N GLY A 36 9.30 -2.71 25.01
CA GLY A 36 10.15 -3.57 25.81
C GLY A 36 9.43 -4.59 26.65
N TYR A 37 8.10 -4.68 26.55
CA TYR A 37 7.34 -5.55 27.43
C TYR A 37 7.68 -7.03 27.25
N LEU A 38 8.06 -7.44 26.03
CA LEU A 38 8.00 -8.86 25.72
C LEU A 38 9.20 -9.64 26.27
N ARG A 39 10.40 -9.08 26.16
CA ARG A 39 11.61 -9.83 26.50
C ARG A 39 11.60 -10.41 27.91
N PRO A 40 11.16 -9.68 28.94
CA PRO A 40 11.12 -10.28 30.29
C PRO A 40 10.18 -11.47 30.42
N LEU A 41 9.27 -11.68 29.47
CA LEU A 41 8.22 -12.68 29.64
C LEU A 41 8.53 -14.02 28.99
N ILE A 42 9.63 -14.13 28.24
CA ILE A 42 10.02 -15.41 27.67
C ILE A 42 11.49 -15.67 28.01
N PRO A 43 11.92 -16.92 27.96
CA PRO A 43 13.30 -17.23 28.35
C PRO A 43 14.33 -16.50 27.50
N ALA A 44 15.54 -16.38 28.05
CA ALA A 44 16.65 -15.71 27.38
C ALA A 44 17.30 -16.57 26.29
N ALA A 45 17.04 -17.88 26.28
CA ALA A 45 17.64 -18.76 25.28
C ALA A 45 16.60 -19.75 24.80
N ALA A 46 16.84 -20.29 23.60
CA ALA A 46 15.97 -21.32 23.05
C ALA A 46 16.00 -22.55 23.95
N PRO A 47 14.90 -23.31 24.02
CA PRO A 47 14.91 -24.52 24.84
C PRO A 47 15.74 -25.61 24.19
N GLN A 48 16.45 -26.38 25.02
CA GLN A 48 17.24 -27.48 24.48
C GLN A 48 16.36 -28.63 24.04
N GLU A 49 15.35 -28.95 24.81
CA GLU A 49 14.36 -29.96 24.51
C GLU A 49 13.08 -29.30 24.04
N PRO A 50 12.24 -29.98 23.24
CA PRO A 50 11.05 -29.34 22.69
C PRO A 50 10.06 -28.93 23.78
N ASP A 51 9.40 -27.80 23.56
CA ASP A 51 8.21 -27.40 24.29
C ASP A 51 6.98 -28.03 23.66
N THR A 52 5.88 -28.08 24.42
CA THR A 52 4.65 -28.62 23.88
C THR A 52 3.89 -27.57 23.06
N PHE A 53 3.08 -28.05 22.12
CA PHE A 53 2.20 -27.17 21.36
C PHE A 53 1.25 -26.41 22.29
N GLU A 54 0.76 -27.09 23.33
CA GLU A 54 -0.17 -26.44 24.26
C GLU A 54 0.47 -25.26 24.96
N ASP A 55 1.73 -25.40 25.38
CA ASP A 55 2.43 -24.29 26.01
C ASP A 55 2.64 -23.14 25.04
N ILE A 56 2.92 -23.45 23.78
CA ILE A 56 3.16 -22.40 22.80
C ILE A 56 1.88 -21.62 22.53
N ILE A 57 0.77 -22.32 22.26
CA ILE A 57 -0.47 -21.62 21.96
C ILE A 57 -0.96 -20.85 23.18
N ASN A 58 -0.68 -21.35 24.39
CA ASN A 58 -1.00 -20.58 25.59
C ASN A 58 -0.21 -19.29 25.62
N ASP A 59 1.07 -19.34 25.26
CA ASP A 59 1.87 -18.12 25.22
C ASP A 59 1.40 -17.16 24.15
N VAL A 60 0.87 -17.66 23.03
CA VAL A 60 0.32 -16.75 22.03
C VAL A 60 -0.75 -15.88 22.65
N GLU A 61 -1.64 -16.49 23.43
CA GLU A 61 -2.71 -15.73 24.08
C GLU A 61 -2.17 -14.88 25.23
N LYS A 62 -1.27 -15.45 26.04
CA LYS A 62 -0.83 -14.77 27.26
C LYS A 62 0.16 -13.66 26.99
N ILE A 63 1.04 -13.82 26.01
CA ILE A 63 2.22 -12.97 25.85
C ILE A 63 2.22 -12.24 24.53
N ILE A 64 1.78 -12.88 23.44
CA ILE A 64 1.80 -12.22 22.14
C ILE A 64 0.60 -11.30 21.99
N MET A 65 -0.60 -11.81 22.27
CA MET A 65 -1.80 -11.05 21.97
C MET A 65 -1.88 -9.72 22.71
N PRO A 66 -1.42 -9.59 23.97
CA PRO A 66 -1.39 -8.25 24.59
C PRO A 66 -0.57 -7.23 23.82
N GLY A 67 0.38 -7.67 23.01
CA GLY A 67 1.20 -6.76 22.22
C GLY A 67 0.79 -6.71 20.75
N VAL A 68 -0.43 -7.12 20.44
CA VAL A 68 -0.92 -7.10 19.06
C VAL A 68 -1.81 -5.88 18.88
N THR A 69 -1.57 -5.13 17.81
CA THR A 69 -2.53 -4.15 17.31
C THR A 69 -3.43 -4.85 16.30
N HIS A 70 -4.73 -4.86 16.54
CA HIS A 70 -5.63 -5.72 15.78
C HIS A 70 -6.10 -4.97 14.54
N TRP A 71 -5.28 -5.07 13.49
CA TRP A 71 -5.56 -4.46 12.18
C TRP A 71 -6.91 -4.85 11.63
N HIS A 72 -7.42 -6.03 11.99
CA HIS A 72 -8.65 -6.54 11.41
C HIS A 72 -9.83 -6.40 12.34
N SER A 73 -9.65 -5.71 13.46
CA SER A 73 -10.81 -5.32 14.23
C SER A 73 -11.59 -4.26 13.45
N PRO A 74 -12.92 -4.30 13.51
CA PRO A 74 -13.73 -3.25 12.85
C PRO A 74 -13.45 -1.86 13.39
N TYR A 75 -12.91 -1.72 14.59
CA TYR A 75 -12.61 -0.43 15.18
C TYR A 75 -11.19 0.05 14.88
N PHE A 76 -10.48 -0.65 14.00
CA PHE A 76 -9.19 -0.19 13.49
C PHE A 76 -9.47 0.71 12.29
N PHE A 77 -9.14 1.99 12.42
CA PHE A 77 -9.36 2.98 11.37
C PHE A 77 -8.08 3.71 11.03
N ALA A 78 -6.95 3.09 11.28
CA ALA A 78 -5.65 3.71 11.15
C ALA A 78 -5.04 3.42 9.77
N TYR A 79 -4.10 4.29 9.37
CA TYR A 79 -3.32 4.08 8.15
C TYR A 79 -4.20 3.82 6.94
N PHE A 80 -4.05 2.65 6.34
CA PHE A 80 -4.89 2.12 5.29
C PHE A 80 -5.17 0.66 5.65
N PRO A 81 -6.23 0.07 5.12
CA PRO A 81 -6.45 -1.35 5.37
C PRO A 81 -5.25 -2.18 4.93
N THR A 82 -5.03 -3.29 5.63
CA THR A 82 -4.24 -4.35 5.05
C THR A 82 -5.15 -5.57 4.88
N ALA A 83 -4.79 -6.42 3.94
CA ALA A 83 -5.69 -7.48 3.49
C ALA A 83 -5.73 -8.64 4.46
N SER A 84 -6.93 -9.15 4.71
CA SER A 84 -7.11 -10.41 5.45
C SER A 84 -8.32 -11.11 4.87
N SER A 85 -8.11 -12.23 4.17
CA SER A 85 -9.23 -13.00 3.65
C SER A 85 -8.89 -14.48 3.78
N TYR A 86 -9.93 -15.30 3.97
CA TYR A 86 -9.71 -16.72 4.14
C TYR A 86 -9.23 -17.40 2.86
N PRO A 87 -9.69 -17.00 1.67
CA PRO A 87 -9.06 -17.58 0.47
C PRO A 87 -7.56 -17.36 0.42
N ALA A 88 -7.08 -16.15 0.76
CA ALA A 88 -5.64 -15.92 0.76
C ALA A 88 -4.95 -16.77 1.82
N MET A 89 -5.58 -16.93 2.99
CA MET A 89 -5.04 -17.80 4.03
C MET A 89 -4.91 -19.24 3.56
N LEU A 90 -5.96 -19.75 2.90
CA LEU A 90 -5.90 -21.12 2.38
C LEU A 90 -4.79 -21.27 1.35
N ALA A 91 -4.67 -20.30 0.43
CA ALA A 91 -3.61 -20.37 -0.56
C ALA A 91 -2.24 -20.32 0.09
N ASP A 92 -2.12 -19.55 1.18
CA ASP A 92 -0.83 -19.39 1.83
C ASP A 92 -0.40 -20.69 2.52
N MET A 93 -1.36 -21.46 3.04
CA MET A 93 -1.04 -22.81 3.51
C MET A 93 -0.52 -23.68 2.38
N LEU A 94 -1.16 -23.62 1.22
CA LEU A 94 -0.69 -24.43 0.09
C LEU A 94 0.67 -23.94 -0.41
N CYS A 95 0.87 -22.63 -0.41
CA CYS A 95 2.16 -22.06 -0.81
C CYS A 95 3.30 -22.57 0.06
N GLY A 96 3.10 -22.57 1.39
CA GLY A 96 4.13 -23.07 2.28
C GLY A 96 4.36 -24.56 2.16
N ALA A 97 3.34 -25.31 1.73
CA ALA A 97 3.47 -26.75 1.58
C ALA A 97 4.22 -27.12 0.32
N ILE A 98 3.84 -26.53 -0.82
CA ILE A 98 4.64 -26.72 -2.03
C ILE A 98 6.07 -26.27 -1.76
N GLY A 99 6.22 -25.09 -1.16
CA GLY A 99 7.49 -24.64 -0.61
C GLY A 99 8.61 -24.51 -1.62
N CYS A 100 8.29 -24.04 -2.82
CA CYS A 100 9.32 -23.82 -3.83
C CYS A 100 9.89 -22.42 -3.72
N ILE A 101 11.12 -22.25 -4.20
CA ILE A 101 11.75 -20.95 -4.33
C ILE A 101 11.82 -20.65 -5.82
N GLY A 102 10.95 -19.77 -6.30
CA GLY A 102 10.85 -19.58 -7.74
C GLY A 102 11.84 -18.61 -8.35
N PHE A 103 13.14 -18.78 -8.10
CA PHE A 103 14.14 -17.87 -8.65
C PHE A 103 14.44 -18.15 -10.12
N SER A 104 13.85 -19.21 -10.68
CA SER A 104 14.00 -19.51 -12.09
C SER A 104 12.79 -20.31 -12.52
N TRP A 105 12.57 -20.41 -13.83
CA TRP A 105 11.47 -21.24 -14.30
C TRP A 105 11.61 -22.66 -13.78
N ALA A 106 12.81 -23.23 -13.90
CA ALA A 106 13.04 -24.63 -13.52
C ALA A 106 12.86 -24.89 -12.04
N ALA A 107 13.01 -23.87 -11.20
CA ALA A 107 12.84 -24.07 -9.76
C ALA A 107 11.40 -24.36 -9.36
N SER A 108 10.42 -24.13 -10.26
CA SER A 108 9.01 -24.55 -10.23
C SER A 108 8.23 -23.80 -11.29
N PRO A 109 8.04 -24.39 -12.47
CA PRO A 109 7.36 -23.67 -13.57
C PRO A 109 6.06 -22.99 -13.17
N ALA A 110 5.20 -23.67 -12.40
CA ALA A 110 3.90 -23.09 -12.05
C ALA A 110 4.04 -21.82 -11.24
N CYS A 111 5.09 -21.71 -10.41
CA CYS A 111 5.23 -20.52 -9.57
C CYS A 111 5.38 -19.26 -10.41
N THR A 112 6.14 -19.33 -11.49
CA THR A 112 6.26 -18.19 -12.39
C THR A 112 5.04 -18.08 -13.31
N GLU A 113 4.57 -19.20 -13.86
CA GLU A 113 3.59 -19.10 -14.92
C GLU A 113 2.22 -18.66 -14.39
N LEU A 114 1.80 -19.18 -13.23
CA LEU A 114 0.54 -18.71 -12.66
C LEU A 114 0.61 -17.22 -12.37
N GLU A 115 1.78 -16.74 -11.94
CA GLU A 115 1.90 -15.33 -11.58
C GLU A 115 1.67 -14.44 -12.78
N THR A 116 2.25 -14.78 -13.93
CA THR A 116 2.06 -13.96 -15.11
C THR A 116 0.59 -13.91 -15.52
N VAL A 117 -0.10 -15.04 -15.46
CA VAL A 117 -1.52 -15.06 -15.80
C VAL A 117 -2.34 -14.26 -14.80
N MET A 118 -2.01 -14.36 -13.51
CA MET A 118 -2.81 -13.64 -12.52
C MET A 118 -2.62 -12.13 -12.69
N MET A 119 -1.43 -11.72 -13.13
CA MET A 119 -1.16 -10.31 -13.31
C MET A 119 -1.92 -9.80 -14.55
N ASP A 120 -2.17 -10.67 -15.52
CA ASP A 120 -3.05 -10.31 -16.63
C ASP A 120 -4.51 -10.28 -16.20
N TRP A 121 -4.95 -11.27 -15.42
CA TRP A 121 -6.28 -11.22 -14.83
C TRP A 121 -6.51 -9.89 -14.14
N LEU A 122 -5.58 -9.52 -13.25
CA LEU A 122 -5.71 -8.29 -12.49
C LEU A 122 -5.65 -7.07 -13.40
N GLY A 123 -4.71 -7.07 -14.36
CA GLY A 123 -4.64 -5.96 -15.29
C GLY A 123 -5.93 -5.77 -16.06
N LYS A 124 -6.58 -6.87 -16.44
CA LYS A 124 -7.83 -6.74 -17.17
C LYS A 124 -8.96 -6.26 -16.25
N MET A 125 -8.96 -6.68 -14.98
CA MET A 125 -9.96 -6.16 -14.05
C MET A 125 -9.82 -4.66 -13.84
N LEU A 126 -8.59 -4.14 -13.92
CA LEU A 126 -8.40 -2.69 -13.80
C LEU A 126 -8.53 -1.96 -15.12
N GLU A 127 -8.85 -2.68 -16.21
CA GLU A 127 -8.91 -2.11 -17.55
C GLU A 127 -7.64 -1.34 -17.88
N LEU A 128 -6.50 -1.94 -17.56
CA LEU A 128 -5.21 -1.35 -17.92
C LEU A 128 -5.05 -1.36 -19.44
N PRO A 129 -4.33 -0.38 -19.99
CA PRO A 129 -3.97 -0.45 -21.41
C PRO A 129 -3.24 -1.74 -21.73
N LYS A 130 -3.50 -2.28 -22.93
CA LYS A 130 -2.95 -3.59 -23.29
C LYS A 130 -1.42 -3.60 -23.26
N ALA A 131 -0.78 -2.44 -23.43
CA ALA A 131 0.68 -2.38 -23.39
C ALA A 131 1.25 -2.90 -22.07
N PHE A 132 0.47 -2.89 -20.99
CA PHE A 132 0.93 -3.40 -19.70
C PHE A 132 0.75 -4.90 -19.55
N LEU A 133 -0.07 -5.52 -20.38
CA LEU A 133 -0.40 -6.93 -20.21
C LEU A 133 0.60 -7.80 -20.96
N ASN A 134 0.81 -9.01 -20.44
CA ASN A 134 1.69 -9.94 -21.14
C ASN A 134 0.94 -10.70 -22.23
N GLU A 135 0.06 -11.61 -21.83
CA GLU A 135 -0.70 -12.45 -22.77
C GLU A 135 0.21 -13.07 -23.82
N LYS A 136 1.41 -13.46 -23.39
CA LYS A 136 2.41 -14.14 -24.22
C LYS A 136 2.60 -13.45 -25.57
N ALA A 137 2.68 -12.13 -25.53
CA ALA A 137 2.82 -11.30 -26.74
C ALA A 137 3.21 -9.89 -26.32
N GLY A 138 3.98 -9.23 -27.17
CA GLY A 138 4.34 -7.85 -26.91
C GLY A 138 5.51 -7.72 -25.95
N GLU A 139 5.62 -6.54 -25.34
CA GLU A 139 6.77 -6.23 -24.51
C GLU A 139 6.45 -5.94 -23.06
N GLY A 140 5.17 -5.86 -22.68
CA GLY A 140 4.79 -5.52 -21.32
C GLY A 140 4.60 -6.76 -20.45
N GLY A 141 4.14 -6.52 -19.24
CA GLY A 141 3.88 -7.61 -18.32
C GLY A 141 3.89 -7.14 -16.89
N GLY A 142 3.46 -8.03 -16.01
CA GLY A 142 3.35 -7.71 -14.61
C GLY A 142 4.06 -8.75 -13.77
N VAL A 143 4.42 -8.32 -12.54
CA VAL A 143 5.12 -9.16 -11.58
C VAL A 143 4.55 -8.81 -10.21
N ILE A 144 4.61 -9.78 -9.29
CA ILE A 144 4.35 -9.51 -7.88
C ILE A 144 5.63 -9.01 -7.24
N GLN A 145 5.56 -7.85 -6.59
CA GLN A 145 6.65 -7.38 -5.75
C GLN A 145 6.28 -7.60 -4.30
N GLY A 146 7.28 -7.59 -3.43
CA GLY A 146 6.99 -7.76 -2.01
C GLY A 146 6.24 -6.61 -1.38
N SER A 147 6.32 -5.43 -1.98
CA SER A 147 5.75 -4.22 -1.40
C SER A 147 5.80 -3.12 -2.44
N ALA A 148 4.93 -2.12 -2.26
CA ALA A 148 4.97 -0.96 -3.14
C ALA A 148 6.26 -0.17 -2.95
N SER A 149 6.81 -0.17 -1.74
CA SER A 149 8.09 0.50 -1.51
C SER A 149 9.16 -0.12 -2.37
N GLU A 150 9.16 -1.45 -2.46
CA GLU A 150 10.13 -2.14 -3.30
C GLU A 150 9.83 -1.88 -4.78
N ALA A 151 8.55 -1.88 -5.15
CA ALA A 151 8.18 -1.62 -6.54
C ALA A 151 8.66 -0.24 -6.98
N THR A 152 8.54 0.76 -6.11
CA THR A 152 9.02 2.09 -6.46
C THR A 152 10.53 2.09 -6.63
N LEU A 153 11.25 1.41 -5.74
CA LEU A 153 12.70 1.29 -5.89
C LEU A 153 13.07 0.63 -7.20
N VAL A 154 12.40 -0.48 -7.53
CA VAL A 154 12.71 -1.20 -8.76
C VAL A 154 12.53 -0.30 -9.98
N ALA A 155 11.44 0.47 -10.01
CA ALA A 155 11.19 1.39 -11.11
C ALA A 155 12.25 2.47 -11.18
N LEU A 156 12.67 3.01 -10.03
CA LEU A 156 13.70 4.02 -10.02
C LEU A 156 15.02 3.47 -10.55
N LEU A 157 15.37 2.26 -10.14
CA LEU A 157 16.60 1.63 -10.62
C LEU A 157 16.55 1.39 -12.12
N ALA A 158 15.41 0.93 -12.63
CA ALA A 158 15.28 0.76 -14.07
C ALA A 158 15.41 2.10 -14.78
N ALA A 159 14.76 3.13 -14.25
CA ALA A 159 14.87 4.46 -14.82
C ALA A 159 16.30 4.96 -14.78
N ARG A 160 17.00 4.71 -13.66
CA ARG A 160 18.40 5.11 -13.55
C ARG A 160 19.26 4.46 -14.62
N THR A 161 19.12 3.15 -14.79
CA THR A 161 19.92 2.46 -15.80
C THR A 161 19.59 2.96 -17.20
N LYS A 162 18.30 3.19 -17.47
CA LYS A 162 17.91 3.66 -18.80
C LYS A 162 18.50 5.03 -19.10
N VAL A 163 18.44 5.96 -18.15
CA VAL A 163 18.97 7.28 -18.46
C VAL A 163 20.50 7.28 -18.51
N ILE A 164 21.15 6.46 -17.69
CA ILE A 164 22.61 6.38 -17.78
C ILE A 164 23.04 5.87 -19.16
N HIS A 165 22.36 4.84 -19.66
CA HIS A 165 22.71 4.31 -20.99
C HIS A 165 22.41 5.32 -22.09
N ARG A 166 21.30 6.03 -21.99
CA ARG A 166 20.98 7.04 -23.00
C ARG A 166 22.01 8.17 -22.99
N LEU A 167 22.35 8.68 -21.80
CA LEU A 167 23.29 9.80 -21.71
C LEU A 167 24.69 9.40 -22.14
N GLN A 168 25.07 8.14 -21.88
CA GLN A 168 26.37 7.64 -22.33
C GLN A 168 26.38 7.37 -23.82
N ALA A 169 25.24 6.99 -24.39
CA ALA A 169 25.16 6.87 -25.84
C ALA A 169 25.37 8.21 -26.51
N ALA A 170 24.83 9.29 -25.91
CA ALA A 170 25.04 10.62 -26.45
C ALA A 170 26.45 11.16 -26.18
N SER A 171 27.04 10.82 -25.03
CA SER A 171 28.38 11.29 -24.67
C SER A 171 29.19 10.10 -24.18
N PRO A 172 29.87 9.39 -25.09
CA PRO A 172 30.56 8.14 -24.70
C PRO A 172 31.62 8.32 -23.63
N GLU A 173 32.20 9.52 -23.49
CA GLU A 173 33.20 9.78 -22.46
C GLU A 173 32.61 9.95 -21.07
N LEU A 174 31.30 10.05 -20.95
CA LEU A 174 30.65 10.44 -19.70
C LEU A 174 30.57 9.26 -18.74
N THR A 175 31.08 9.45 -17.52
CA THR A 175 31.07 8.37 -16.54
C THR A 175 29.71 8.26 -15.86
N GLN A 176 29.44 7.07 -15.30
CA GLN A 176 28.21 6.89 -14.54
C GLN A 176 28.14 7.87 -13.37
N ALA A 177 29.29 8.16 -12.75
CA ALA A 177 29.28 9.03 -11.58
C ALA A 177 28.98 10.48 -11.95
N ALA A 178 29.54 10.96 -13.06
CA ALA A 178 29.23 12.32 -13.51
C ALA A 178 27.74 12.47 -13.80
N ILE A 179 27.12 11.44 -14.36
CA ILE A 179 25.68 11.46 -14.59
C ILE A 179 24.93 11.45 -13.26
N MET A 180 25.37 10.59 -12.33
CA MET A 180 24.74 10.47 -11.02
C MET A 180 24.61 11.83 -10.33
N GLU A 181 25.61 12.69 -10.50
CA GLU A 181 25.60 14.00 -9.86
C GLU A 181 24.42 14.84 -10.30
N LYS A 182 23.92 14.63 -11.52
CA LYS A 182 22.96 15.54 -12.11
C LYS A 182 21.54 14.99 -12.13
N LEU A 183 21.36 13.70 -11.93
CA LEU A 183 20.03 13.10 -11.99
C LEU A 183 19.14 13.63 -10.87
N VAL A 184 17.88 13.88 -11.19
CA VAL A 184 16.89 14.27 -10.19
C VAL A 184 15.59 13.52 -10.45
N ALA A 185 15.00 13.00 -9.39
CA ALA A 185 13.68 12.38 -9.41
C ALA A 185 12.66 13.32 -8.78
N TYR A 186 11.39 13.09 -9.11
CA TYR A 186 10.31 13.93 -8.63
C TYR A 186 9.19 13.10 -8.04
N SER A 187 8.49 13.69 -7.07
CA SER A 187 7.24 13.15 -6.57
C SER A 187 6.42 14.31 -6.02
N SER A 188 5.19 14.02 -5.61
CA SER A 188 4.39 15.05 -4.98
C SER A 188 4.92 15.35 -3.57
N ASP A 189 4.59 16.54 -3.05
CA ASP A 189 4.87 16.77 -1.63
C ASP A 189 4.01 15.89 -0.73
N GLN A 190 3.02 15.19 -1.29
CA GLN A 190 2.23 14.21 -0.54
C GLN A 190 2.72 12.78 -0.74
N ALA A 191 3.85 12.58 -1.42
CA ALA A 191 4.28 11.22 -1.73
C ALA A 191 4.64 10.46 -0.45
N HIS A 192 4.49 9.14 -0.52
CA HIS A 192 4.85 8.26 0.59
C HIS A 192 6.36 8.28 0.79
N SER A 193 6.79 8.01 2.04
CA SER A 193 8.22 8.03 2.33
C SER A 193 8.99 6.99 1.54
N SER A 194 8.32 6.01 0.93
CA SER A 194 9.02 5.04 0.10
C SER A 194 9.71 5.70 -1.08
N VAL A 195 9.20 6.84 -1.56
CA VAL A 195 9.87 7.54 -2.64
C VAL A 195 11.20 8.11 -2.17
N GLU A 196 11.19 8.80 -1.03
CA GLU A 196 12.44 9.34 -0.50
C GLU A 196 13.45 8.23 -0.24
N ARG A 197 12.98 7.09 0.25
CA ARG A 197 13.89 5.97 0.50
C ARG A 197 14.45 5.41 -0.80
N ALA A 198 13.63 5.30 -1.84
CA ALA A 198 14.15 4.84 -3.13
C ALA A 198 15.20 5.79 -3.69
N GLY A 199 15.00 7.09 -3.51
CA GLY A 199 16.00 8.06 -3.95
C GLY A 199 17.30 7.93 -3.18
N LEU A 200 17.21 7.73 -1.86
CA LEU A 200 18.40 7.52 -1.06
C LEU A 200 19.13 6.25 -1.48
N ILE A 201 18.40 5.13 -1.56
CA ILE A 201 19.01 3.88 -1.99
C ILE A 201 19.59 4.03 -3.39
N GLY A 202 18.85 4.65 -4.30
CA GLY A 202 19.31 4.80 -5.67
C GLY A 202 20.42 5.83 -5.85
N GLY A 203 20.71 6.63 -4.83
CA GLY A 203 21.82 7.57 -4.94
C GLY A 203 21.53 8.78 -5.82
N VAL A 204 20.28 9.21 -5.90
CA VAL A 204 19.89 10.34 -6.73
C VAL A 204 19.17 11.39 -5.90
N LYS A 205 19.20 12.62 -6.39
CA LYS A 205 18.43 13.69 -5.78
C LYS A 205 16.95 13.48 -6.02
N LEU A 206 16.15 13.93 -5.05
CA LEU A 206 14.69 13.85 -5.13
C LEU A 206 14.12 15.18 -4.71
N LYS A 207 13.15 15.67 -5.48
CA LYS A 207 12.53 16.96 -5.20
C LYS A 207 11.01 16.77 -5.20
N ALA A 208 10.34 17.45 -4.27
CA ALA A 208 8.89 17.38 -4.17
C ALA A 208 8.25 18.47 -5.03
N ILE A 209 7.24 18.08 -5.81
CA ILE A 209 6.45 19.04 -6.58
C ILE A 209 5.34 19.57 -5.68
N PRO A 210 5.21 20.89 -5.51
CA PRO A 210 4.13 21.43 -4.68
C PRO A 210 2.77 21.03 -5.24
N SER A 211 1.88 20.58 -4.36
CA SER A 211 0.55 20.18 -4.78
C SER A 211 -0.42 21.37 -4.74
N ASP A 212 -1.52 21.25 -5.47
CA ASP A 212 -2.48 22.34 -5.56
C ASP A 212 -3.39 22.31 -4.33
N GLY A 213 -4.49 23.07 -4.38
CA GLY A 213 -5.43 23.10 -3.26
C GLY A 213 -6.10 21.79 -2.97
N ASN A 214 -6.18 20.89 -3.95
CA ASN A 214 -6.68 19.54 -3.75
C ASN A 214 -5.58 18.53 -3.49
N PHE A 215 -4.37 19.00 -3.20
CA PHE A 215 -3.23 18.14 -2.88
C PHE A 215 -2.90 17.20 -4.04
N ALA A 216 -3.10 17.69 -5.26
CA ALA A 216 -2.80 16.98 -6.48
C ALA A 216 -1.61 17.61 -7.18
N MET A 217 -0.78 16.77 -7.81
CA MET A 217 0.25 17.28 -8.71
C MET A 217 -0.40 17.72 -10.02
N ARG A 218 -0.04 18.92 -10.47
CA ARG A 218 -0.59 19.51 -11.69
C ARG A 218 0.53 19.90 -12.64
N ALA A 219 0.16 20.14 -13.90
CA ALA A 219 1.15 20.45 -14.92
C ALA A 219 1.94 21.72 -14.58
N SER A 220 1.26 22.75 -14.07
CA SER A 220 1.90 24.04 -13.87
C SER A 220 3.05 23.95 -12.86
N ALA A 221 2.80 23.32 -11.71
CA ALA A 221 3.86 23.17 -10.71
C ALA A 221 4.98 22.28 -11.23
N LEU A 222 4.63 21.22 -11.98
CA LEU A 222 5.66 20.37 -12.55
C LEU A 222 6.52 21.13 -13.56
N GLN A 223 5.88 21.90 -14.43
CA GLN A 223 6.64 22.67 -15.42
C GLN A 223 7.54 23.69 -14.73
N GLU A 224 7.06 24.32 -13.66
CA GLU A 224 7.89 25.30 -12.96
C GLU A 224 9.11 24.64 -12.34
N ALA A 225 8.94 23.45 -11.77
CA ALA A 225 10.08 22.74 -11.19
C ALA A 225 11.07 22.31 -12.28
N LEU A 226 10.55 21.81 -13.40
CA LEU A 226 11.41 21.37 -14.49
C LEU A 226 12.25 22.51 -15.04
N GLU A 227 11.63 23.68 -15.27
CA GLU A 227 12.39 24.83 -15.78
C GLU A 227 13.53 25.20 -14.83
N ARG A 228 13.24 25.25 -13.53
CA ARG A 228 14.26 25.56 -12.54
C ARG A 228 15.41 24.54 -12.58
N ASP A 229 15.08 23.25 -12.49
CA ASP A 229 16.13 22.25 -12.32
C ASP A 229 16.92 22.03 -13.61
N LYS A 230 16.25 22.11 -14.77
CA LYS A 230 17.01 22.00 -16.02
C LYS A 230 17.96 23.18 -16.18
N ALA A 231 17.53 24.39 -15.82
CA ALA A 231 18.43 25.53 -15.89
C ALA A 231 19.61 25.37 -14.95
N ALA A 232 19.43 24.66 -13.84
CA ALA A 232 20.53 24.42 -12.91
C ALA A 232 21.46 23.28 -13.35
N GLY A 233 21.16 22.59 -14.46
CA GLY A 233 21.98 21.49 -14.90
C GLY A 233 21.55 20.14 -14.39
N LEU A 234 20.43 20.05 -13.68
CA LEU A 234 19.92 18.76 -13.25
C LEU A 234 19.26 18.07 -14.44
N ILE A 235 19.24 16.74 -14.39
CA ILE A 235 18.64 15.93 -15.44
C ILE A 235 17.45 15.17 -14.86
N PRO A 236 16.24 15.63 -15.11
CA PRO A 236 15.05 14.87 -14.67
C PRO A 236 15.01 13.51 -15.34
N PHE A 237 14.78 12.47 -14.55
CA PHE A 237 14.79 11.12 -15.10
C PHE A 237 13.70 10.22 -14.56
N PHE A 238 13.07 10.56 -13.45
CA PHE A 238 12.15 9.65 -12.78
C PHE A 238 11.09 10.50 -12.07
N MET A 239 9.85 10.04 -12.16
CA MET A 239 8.69 10.67 -11.54
C MET A 239 7.81 9.61 -10.90
N VAL A 240 7.46 9.81 -9.64
CA VAL A 240 6.41 9.02 -8.99
C VAL A 240 5.18 9.91 -8.91
N ALA A 241 4.15 9.56 -9.67
CA ALA A 241 2.85 10.18 -9.57
C ALA A 241 1.97 9.29 -8.70
N THR A 242 1.30 9.87 -7.71
CA THR A 242 0.56 9.09 -6.72
C THR A 242 -0.93 9.20 -6.97
N LEU A 243 -1.60 8.04 -6.99
CA LEU A 243 -3.06 7.97 -7.03
C LEU A 243 -3.50 7.42 -5.67
N GLY A 244 -4.02 8.31 -4.83
CA GLY A 244 -4.40 7.93 -3.48
C GLY A 244 -3.31 8.18 -2.46
N THR A 245 -2.99 9.45 -2.21
CA THR A 245 -1.87 9.78 -1.35
C THR A 245 -2.12 9.26 0.07
N THR A 246 -1.03 8.93 0.75
CA THR A 246 -1.13 8.36 2.10
C THR A 246 -1.74 9.35 3.08
N THR A 247 -1.49 10.65 2.88
CA THR A 247 -2.00 11.66 3.79
C THR A 247 -3.52 11.80 3.67
N CYS A 248 -4.01 12.09 2.46
CA CYS A 248 -5.40 12.50 2.32
C CYS A 248 -6.13 11.85 1.16
N CYS A 249 -5.58 10.77 0.60
CA CYS A 249 -6.15 10.08 -0.56
C CYS A 249 -6.49 11.08 -1.67
N SER A 250 -5.54 11.95 -2.01
CA SER A 250 -5.65 12.80 -3.18
C SER A 250 -5.03 12.10 -4.39
N PHE A 251 -5.23 12.70 -5.57
CA PHE A 251 -4.90 12.04 -6.83
C PHE A 251 -4.11 12.99 -7.72
N ASP A 252 -2.90 12.60 -8.10
CA ASP A 252 -2.13 13.37 -9.06
C ASP A 252 -2.78 13.29 -10.43
N ASN A 253 -2.67 14.38 -11.19
CA ASN A 253 -3.33 14.47 -12.50
C ASN A 253 -2.43 13.86 -13.56
N LEU A 254 -2.72 12.60 -13.94
CA LEU A 254 -1.92 11.90 -14.93
C LEU A 254 -2.17 12.44 -16.34
N LEU A 255 -3.37 12.97 -16.60
CA LEU A 255 -3.61 13.50 -17.94
C LEU A 255 -2.74 14.71 -18.22
N GLU A 256 -2.34 15.42 -17.18
CA GLU A 256 -1.45 16.58 -17.28
C GLU A 256 0.01 16.18 -17.13
N VAL A 257 0.30 15.35 -16.11
CA VAL A 257 1.69 15.01 -15.81
C VAL A 257 2.24 13.97 -16.79
N GLY A 258 1.40 13.10 -17.32
CA GLY A 258 1.83 12.07 -18.24
C GLY A 258 2.50 12.59 -19.50
N PRO A 259 1.79 13.41 -20.28
CA PRO A 259 2.40 13.96 -21.50
C PRO A 259 3.68 14.74 -21.25
N ILE A 260 3.78 15.43 -20.11
CA ILE A 260 5.00 16.15 -19.77
C ILE A 260 6.13 15.17 -19.52
N CYS A 261 5.87 14.12 -18.75
CA CYS A 261 6.93 13.14 -18.49
C CYS A 261 7.39 12.48 -19.79
N ASN A 262 6.44 12.15 -20.68
CA ASN A 262 6.82 11.52 -21.95
C ASN A 262 7.71 12.42 -22.77
N LYS A 263 7.35 13.70 -22.90
CA LYS A 263 8.13 14.58 -23.77
C LYS A 263 9.48 14.90 -23.14
N GLU A 264 9.59 14.86 -21.82
CA GLU A 264 10.85 15.12 -21.14
C GLU A 264 11.72 13.88 -21.00
N ASP A 265 11.25 12.72 -21.48
CA ASP A 265 11.96 11.44 -21.30
C ASP A 265 12.16 11.12 -19.82
N ILE A 266 11.14 11.45 -19.03
CA ILE A 266 11.09 11.12 -17.62
C ILE A 266 10.32 9.83 -17.45
N TRP A 267 10.96 8.81 -16.88
CA TRP A 267 10.24 7.59 -16.54
C TRP A 267 9.13 7.92 -15.56
N LEU A 268 7.90 7.60 -15.93
CA LEU A 268 6.72 7.90 -15.13
C LEU A 268 6.28 6.62 -14.42
N HIS A 269 6.41 6.59 -13.10
CA HIS A 269 5.93 5.49 -12.28
C HIS A 269 4.68 5.95 -11.54
N VAL A 270 3.59 5.19 -11.68
CA VAL A 270 2.35 5.53 -11.02
C VAL A 270 2.20 4.65 -9.79
N ASP A 271 2.22 5.29 -8.61
CA ASP A 271 2.05 4.63 -7.33
C ASP A 271 0.60 4.79 -6.91
N ALA A 272 -0.15 3.69 -6.95
CA ALA A 272 -1.55 3.67 -6.50
C ALA A 272 -1.75 2.66 -5.38
N ALA A 273 -0.77 2.57 -4.47
CA ALA A 273 -0.72 1.50 -3.47
C ALA A 273 -2.08 1.14 -2.90
N TYR A 274 -2.80 2.14 -2.40
CA TYR A 274 -4.10 1.92 -1.77
C TYR A 274 -5.24 2.00 -2.78
N ALA A 275 -5.30 3.12 -3.51
CA ALA A 275 -6.44 3.43 -4.38
C ALA A 275 -6.59 2.46 -5.53
N GLY A 276 -5.51 1.76 -5.92
CA GLY A 276 -5.55 0.96 -7.13
C GLY A 276 -6.65 -0.08 -7.13
N SER A 277 -6.95 -0.66 -5.96
CA SER A 277 -7.97 -1.70 -5.90
C SER A 277 -9.34 -1.18 -6.30
N ALA A 278 -9.63 0.09 -6.05
CA ALA A 278 -10.93 0.64 -6.42
C ALA A 278 -11.10 0.76 -7.92
N PHE A 279 -10.00 0.73 -8.69
CA PHE A 279 -10.12 0.91 -10.13
C PHE A 279 -10.69 -0.31 -10.83
N ILE A 280 -10.99 -1.40 -10.11
CA ILE A 280 -11.78 -2.49 -10.68
C ILE A 280 -13.25 -2.14 -10.78
N CYS A 281 -13.68 -1.03 -10.16
CA CYS A 281 -15.03 -0.52 -10.24
C CYS A 281 -15.09 0.58 -11.29
N PRO A 282 -15.98 0.49 -12.28
CA PRO A 282 -15.97 1.48 -13.36
C PRO A 282 -16.22 2.91 -12.89
N GLU A 283 -16.93 3.11 -11.78
CA GLU A 283 -17.19 4.47 -11.31
C GLU A 283 -15.93 5.14 -10.79
N PHE A 284 -14.88 4.38 -10.51
CA PHE A 284 -13.61 4.95 -10.05
C PHE A 284 -12.50 4.87 -11.09
N ARG A 285 -12.70 4.10 -12.17
CA ARG A 285 -11.64 3.90 -13.17
C ARG A 285 -11.16 5.21 -13.78
N HIS A 286 -12.01 6.24 -13.82
CA HIS A 286 -11.58 7.52 -14.38
C HIS A 286 -10.42 8.13 -13.59
N LEU A 287 -10.26 7.77 -12.32
CA LEU A 287 -9.13 8.28 -11.55
C LEU A 287 -7.80 7.73 -12.05
N LEU A 288 -7.84 6.66 -12.85
CA LEU A 288 -6.65 6.08 -13.44
C LEU A 288 -6.36 6.59 -14.85
N ASN A 289 -7.26 7.39 -15.44
CA ASN A 289 -7.01 7.88 -16.79
C ASN A 289 -5.68 8.59 -16.86
N GLY A 290 -4.93 8.33 -17.93
CA GLY A 290 -3.57 8.80 -18.06
C GLY A 290 -2.50 7.78 -17.74
N VAL A 291 -2.88 6.62 -17.18
CA VAL A 291 -1.89 5.57 -16.94
C VAL A 291 -1.31 5.05 -18.25
N GLU A 292 -2.00 5.30 -19.37
CA GLU A 292 -1.43 4.96 -20.67
C GLU A 292 -0.12 5.70 -20.93
N PHE A 293 0.12 6.81 -20.23
CA PHE A 293 1.39 7.54 -20.37
C PHE A 293 2.48 7.01 -19.46
N ALA A 294 2.14 6.18 -18.48
CA ALA A 294 3.10 5.72 -17.49
C ALA A 294 4.02 4.65 -18.09
N ASP A 295 5.24 4.61 -17.57
CA ASP A 295 6.15 3.51 -17.88
C ASP A 295 5.97 2.33 -16.94
N SER A 296 5.48 2.57 -15.74
CA SER A 296 5.21 1.48 -14.79
C SER A 296 4.06 1.91 -13.89
N PHE A 297 3.32 0.91 -13.42
CA PHE A 297 2.15 1.14 -12.59
C PHE A 297 2.12 0.09 -11.49
N ASN A 298 1.80 0.52 -10.27
CA ASN A 298 1.87 -0.36 -9.11
C ASN A 298 0.72 -0.07 -8.17
N PHE A 299 0.17 -1.12 -7.57
CA PHE A 299 -0.76 -0.97 -6.45
C PHE A 299 -0.68 -2.24 -5.62
N ASN A 300 -1.23 -2.15 -4.40
CA ASN A 300 -1.11 -3.26 -3.45
C ASN A 300 -2.43 -3.99 -3.29
N PRO A 301 -2.59 -5.17 -3.90
CA PRO A 301 -3.67 -6.06 -3.46
C PRO A 301 -3.62 -6.32 -1.97
N HIS A 302 -2.42 -6.24 -1.35
CA HIS A 302 -2.37 -6.52 0.08
C HIS A 302 -2.82 -5.35 0.95
N LYS A 303 -3.24 -4.24 0.35
CA LYS A 303 -3.98 -3.22 1.12
C LYS A 303 -5.48 -3.49 0.98
N TRP A 304 -6.02 -3.26 -0.22
CA TRP A 304 -7.45 -3.14 -0.40
C TRP A 304 -8.04 -4.12 -1.41
N LEU A 305 -7.37 -5.24 -1.68
CA LEU A 305 -7.96 -6.25 -2.56
C LEU A 305 -7.90 -7.64 -1.95
N LEU A 306 -7.82 -7.75 -0.61
CA LEU A 306 -8.03 -8.98 0.13
C LEU A 306 -6.96 -10.06 -0.13
N VAL A 307 -5.81 -9.70 -0.69
CA VAL A 307 -4.72 -10.64 -0.87
C VAL A 307 -3.70 -10.37 0.24
N ASN A 308 -3.71 -11.19 1.29
CA ASN A 308 -2.86 -10.95 2.46
C ASN A 308 -1.43 -10.61 2.08
N PHE A 309 -0.84 -9.64 2.79
CA PHE A 309 0.58 -9.31 2.66
C PHE A 309 1.44 -10.57 2.74
N ASP A 310 2.46 -10.67 1.88
CA ASP A 310 2.86 -9.70 0.86
C ASP A 310 2.32 -9.99 -0.55
N CYS A 311 1.82 -8.93 -1.21
CA CYS A 311 1.40 -8.98 -2.60
C CYS A 311 1.23 -7.56 -3.15
N SER A 312 2.26 -7.05 -3.82
CA SER A 312 2.21 -5.79 -4.53
C SER A 312 2.26 -6.10 -6.03
N ALA A 313 1.38 -5.48 -6.80
CA ALA A 313 1.22 -5.80 -8.22
C ALA A 313 1.83 -4.68 -9.06
N MET A 314 2.81 -5.02 -9.90
CA MET A 314 3.50 -4.02 -10.71
C MET A 314 3.53 -4.43 -12.17
N TRP A 315 3.17 -3.50 -13.06
CA TRP A 315 3.22 -3.71 -14.50
C TRP A 315 4.18 -2.72 -15.13
N VAL A 316 4.77 -3.12 -16.26
CA VAL A 316 5.61 -2.26 -17.07
C VAL A 316 5.23 -2.44 -18.53
N LYS A 317 5.52 -1.42 -19.33
CA LYS A 317 5.27 -1.49 -20.77
C LYS A 317 6.39 -2.19 -21.52
N LYS A 318 7.62 -2.14 -20.99
CA LYS A 318 8.77 -2.71 -21.69
C LYS A 318 9.56 -3.54 -20.68
N ARG A 319 9.39 -4.86 -20.77
CA ARG A 319 10.17 -5.78 -19.94
C ARG A 319 11.66 -5.50 -20.04
N THR A 320 12.13 -5.18 -21.25
CA THR A 320 13.56 -4.93 -21.45
C THR A 320 14.04 -3.72 -20.66
N ASP A 321 13.21 -2.67 -20.53
CA ASP A 321 13.57 -1.53 -19.71
C ASP A 321 13.68 -1.92 -18.24
N LEU A 322 12.86 -2.87 -17.81
CA LEU A 322 12.86 -3.27 -16.40
C LEU A 322 14.01 -4.20 -16.08
N THR A 323 14.26 -5.19 -16.95
CA THR A 323 15.28 -6.20 -16.65
C THR A 323 16.67 -5.58 -16.58
N GLY A 324 16.99 -4.73 -17.55
CA GLY A 324 18.25 -3.99 -17.51
C GLY A 324 18.24 -2.94 -16.41
N ALA A 325 18.66 -3.32 -15.20
CA ALA A 325 18.65 -2.41 -14.07
C ALA A 325 19.65 -2.85 -13.00
N GLY A 341 8.20 -12.49 -25.51
CA GLY A 341 6.80 -12.73 -25.22
C GLY A 341 6.58 -13.54 -23.96
N LEU A 342 7.02 -14.80 -23.97
CA LEU A 342 6.88 -15.65 -22.80
C LEU A 342 7.80 -15.17 -21.68
N ILE A 343 7.22 -14.99 -20.49
CA ILE A 343 7.99 -14.68 -19.29
C ILE A 343 8.34 -16.00 -18.62
N THR A 344 9.64 -16.27 -18.47
CA THR A 344 10.09 -17.52 -17.86
C THR A 344 10.72 -17.33 -16.50
N ASP A 345 11.18 -16.13 -16.16
CA ASP A 345 11.72 -15.91 -14.83
C ASP A 345 11.52 -14.44 -14.47
N TYR A 346 11.62 -14.17 -13.18
CA TYR A 346 11.41 -12.82 -12.67
C TYR A 346 12.64 -12.30 -11.93
N ARG A 347 13.81 -12.91 -12.16
CA ARG A 347 15.02 -12.52 -11.44
C ARG A 347 15.33 -11.04 -11.60
N HIS A 348 15.18 -10.53 -12.82
CA HIS A 348 15.54 -9.15 -13.12
C HIS A 348 14.37 -8.19 -12.99
N TRP A 349 13.27 -8.62 -12.34
CA TRP A 349 12.14 -7.74 -12.10
C TRP A 349 12.05 -7.25 -10.66
N GLN A 350 12.85 -7.79 -9.75
CA GLN A 350 12.70 -7.53 -8.32
C GLN A 350 14.07 -7.42 -7.68
N ILE A 351 14.10 -6.91 -6.45
CA ILE A 351 15.35 -6.82 -5.69
C ILE A 351 15.82 -8.21 -5.27
N PRO A 352 15.02 -9.03 -4.57
CA PRO A 352 15.51 -10.35 -4.19
C PRO A 352 15.58 -11.28 -5.38
N LEU A 353 16.37 -12.34 -5.23
CA LEU A 353 16.42 -13.44 -6.19
C LEU A 353 15.35 -14.48 -5.90
N GLY A 354 15.26 -14.89 -4.63
CA GLY A 354 14.25 -15.85 -4.23
C GLY A 354 12.88 -15.22 -4.13
N ARG A 355 11.87 -16.07 -4.22
CA ARG A 355 10.47 -15.65 -4.13
C ARG A 355 9.62 -16.88 -3.91
N ARG A 356 8.50 -16.72 -3.22
CA ARG A 356 7.60 -17.85 -3.03
C ARG A 356 6.38 -17.72 -3.92
N PHE A 357 5.52 -18.74 -3.86
CA PHE A 357 4.40 -18.95 -4.78
C PHE A 357 3.21 -18.07 -4.42
N ARG A 358 3.45 -16.75 -4.38
CA ARG A 358 2.43 -15.81 -3.91
C ARG A 358 1.23 -15.70 -4.84
N SER A 359 1.38 -16.05 -6.12
CA SER A 359 0.25 -15.92 -7.04
C SER A 359 -0.89 -16.86 -6.68
N LEU A 360 -0.62 -17.92 -5.90
CA LEU A 360 -1.70 -18.75 -5.40
C LEU A 360 -2.71 -17.93 -4.59
N LYS A 361 -2.22 -16.95 -3.83
CA LYS A 361 -3.13 -16.10 -3.06
C LYS A 361 -4.03 -15.30 -3.97
N MET A 362 -3.48 -14.74 -5.05
CA MET A 362 -4.32 -13.99 -5.99
C MET A 362 -5.33 -14.90 -6.66
N TRP A 363 -4.88 -16.05 -7.13
CA TRP A 363 -5.75 -17.06 -7.73
C TRP A 363 -6.93 -17.41 -6.82
N PHE A 364 -6.64 -17.75 -5.56
CA PHE A 364 -7.70 -18.17 -4.66
C PHE A 364 -8.66 -17.02 -4.37
N VAL A 365 -8.14 -15.82 -4.13
CA VAL A 365 -9.00 -14.67 -3.83
C VAL A 365 -9.87 -14.33 -5.03
N PHE A 366 -9.26 -14.20 -6.21
CA PHE A 366 -10.01 -13.85 -7.40
C PHE A 366 -11.08 -14.90 -7.70
N ARG A 367 -10.75 -16.18 -7.55
CA ARG A 367 -11.72 -17.22 -7.88
C ARG A 367 -12.78 -17.38 -6.80
N MET A 368 -12.44 -17.18 -5.54
CA MET A 368 -13.42 -17.49 -4.52
C MET A 368 -14.36 -16.32 -4.25
N TYR A 369 -13.90 -15.10 -4.52
CA TYR A 369 -14.78 -13.93 -4.44
C TYR A 369 -15.46 -13.65 -5.76
N GLY A 370 -14.76 -13.87 -6.88
CA GLY A 370 -15.23 -13.40 -8.17
C GLY A 370 -15.03 -11.91 -8.30
N VAL A 371 -15.02 -11.39 -9.52
CA VAL A 371 -14.83 -9.94 -9.70
C VAL A 371 -15.96 -9.18 -9.03
N LYS A 372 -17.19 -9.68 -9.13
CA LYS A 372 -18.31 -8.98 -8.51
C LYS A 372 -18.22 -8.96 -7.00
N GLY A 373 -17.68 -10.02 -6.40
CA GLY A 373 -17.49 -10.01 -4.95
C GLY A 373 -16.47 -8.99 -4.51
N LEU A 374 -15.40 -8.82 -5.28
CA LEU A 374 -14.41 -7.80 -4.93
C LEU A 374 -14.97 -6.40 -5.15
N GLN A 375 -15.75 -6.21 -6.21
CA GLN A 375 -16.37 -4.91 -6.44
C GLN A 375 -17.33 -4.56 -5.31
N ALA A 376 -18.09 -5.54 -4.83
CA ALA A 376 -19.02 -5.27 -3.73
C ALA A 376 -18.26 -4.89 -2.47
N TYR A 377 -17.12 -5.54 -2.23
CA TYR A 377 -16.29 -5.25 -1.07
C TYR A 377 -15.76 -3.82 -1.11
N ILE A 378 -15.25 -3.40 -2.27
CA ILE A 378 -14.78 -2.02 -2.42
C ILE A 378 -15.92 -1.04 -2.19
N ARG A 379 -17.07 -1.28 -2.83
CA ARG A 379 -18.15 -0.32 -2.78
C ARG A 379 -18.74 -0.19 -1.38
N LYS A 380 -18.77 -1.29 -0.62
CA LYS A 380 -19.24 -1.20 0.77
C LYS A 380 -18.29 -0.34 1.59
N HIS A 381 -16.98 -0.51 1.41
CA HIS A 381 -16.04 0.33 2.15
C HIS A 381 -16.20 1.79 1.77
N VAL A 382 -16.37 2.10 0.48
CA VAL A 382 -16.52 3.50 0.08
C VAL A 382 -17.83 4.08 0.62
N GLN A 383 -18.90 3.28 0.62
CA GLN A 383 -20.16 3.75 1.18
C GLN A 383 -20.00 4.08 2.66
N LEU A 384 -19.28 3.24 3.40
CA LEU A 384 -19.05 3.49 4.83
C LEU A 384 -18.21 4.74 5.04
N SER A 385 -17.23 4.97 4.17
CA SER A 385 -16.48 6.21 4.20
C SER A 385 -17.40 7.41 4.03
N HIS A 386 -18.32 7.33 3.06
CA HIS A 386 -19.26 8.43 2.87
C HIS A 386 -20.24 8.55 4.04
N GLU A 387 -20.52 7.44 4.72
CA GLU A 387 -21.36 7.52 5.92
C GLU A 387 -20.63 8.29 7.01
N PHE A 388 -19.35 7.99 7.24
CA PHE A 388 -18.59 8.75 8.22
C PHE A 388 -18.53 10.22 7.82
N GLU A 389 -18.21 10.50 6.55
CA GLU A 389 -18.17 11.88 6.07
C GLU A 389 -19.49 12.60 6.33
N SER A 390 -20.61 11.93 6.06
CA SER A 390 -21.92 12.53 6.29
C SER A 390 -22.07 12.98 7.73
N LEU A 391 -21.69 12.13 8.68
CA LEU A 391 -21.79 12.50 10.09
C LEU A 391 -20.92 13.71 10.42
N VAL A 392 -19.68 13.73 9.93
CA VAL A 392 -18.80 14.88 10.20
C VAL A 392 -19.40 16.16 9.64
N ARG A 393 -19.96 16.10 8.43
CA ARG A 393 -20.53 17.30 7.82
C ARG A 393 -21.80 17.78 8.52
N GLN A 394 -22.30 17.06 9.52
CA GLN A 394 -23.45 17.53 10.28
C GLN A 394 -23.05 18.31 11.53
N ASP A 395 -21.77 18.32 11.88
CA ASP A 395 -21.27 18.96 13.08
C ASP A 395 -20.40 20.16 12.71
N PRO A 396 -20.91 21.39 12.86
CA PRO A 396 -20.13 22.58 12.43
C PRO A 396 -18.89 22.86 13.28
N ARG A 397 -18.64 22.10 14.35
CA ARG A 397 -17.37 22.22 15.05
C ARG A 397 -16.23 21.58 14.27
N PHE A 398 -16.54 20.73 13.29
CA PHE A 398 -15.57 20.01 12.48
C PHE A 398 -15.55 20.55 11.05
N GLU A 399 -14.47 20.23 10.34
CA GLU A 399 -14.35 20.52 8.92
C GLU A 399 -13.74 19.31 8.23
N ILE A 400 -14.07 19.12 6.95
CA ILE A 400 -13.42 18.13 6.09
C ILE A 400 -12.39 18.87 5.24
N CYS A 401 -11.16 18.37 5.26
CA CYS A 401 -10.08 19.11 4.61
C CYS A 401 -9.88 18.75 3.15
N VAL A 402 -10.30 17.56 2.73
CA VAL A 402 -10.08 17.08 1.37
C VAL A 402 -11.32 16.30 0.93
N GLU A 403 -11.61 16.36 -0.36
CA GLU A 403 -12.75 15.65 -0.92
C GLU A 403 -12.65 14.15 -0.61
N VAL A 404 -13.77 13.58 -0.14
CA VAL A 404 -13.84 12.17 0.19
C VAL A 404 -14.23 11.39 -1.08
N ILE A 405 -13.36 10.48 -1.50
CA ILE A 405 -13.57 9.72 -2.73
C ILE A 405 -13.54 8.22 -2.47
N LEU A 406 -12.58 7.76 -1.69
CA LEU A 406 -12.46 6.33 -1.40
C LEU A 406 -12.64 6.13 0.10
N GLY A 407 -11.92 5.19 0.69
CA GLY A 407 -12.21 4.81 2.06
C GLY A 407 -11.48 5.61 3.13
N LEU A 408 -11.20 6.88 2.86
CA LEU A 408 -10.48 7.75 3.79
C LEU A 408 -11.22 9.07 3.93
N VAL A 409 -11.33 9.55 5.16
CA VAL A 409 -11.90 10.86 5.46
C VAL A 409 -10.89 11.64 6.29
N CYS A 410 -10.51 12.81 5.81
CA CYS A 410 -9.60 13.70 6.51
C CYS A 410 -10.41 14.82 7.17
N PHE A 411 -10.44 14.85 8.50
CA PHE A 411 -11.29 15.77 9.23
C PHE A 411 -10.54 16.33 10.43
N ARG A 412 -11.07 17.42 10.97
CA ARG A 412 -10.46 18.01 12.15
C ARG A 412 -11.46 18.94 12.82
N LEU A 413 -11.21 19.22 14.09
CA LEU A 413 -11.93 20.30 14.76
C LEU A 413 -11.48 21.61 14.16
N LYS A 414 -12.45 22.49 13.85
CA LYS A 414 -12.11 23.85 13.46
C LYS A 414 -11.34 24.52 14.59
N GLY A 415 -10.25 25.18 14.24
CA GLY A 415 -9.42 25.85 15.23
C GLY A 415 -7.97 25.38 15.17
N SER A 416 -7.32 25.39 16.33
CA SER A 416 -5.89 25.21 16.41
C SER A 416 -5.47 23.76 16.21
N ASN A 417 -4.21 23.56 15.79
CA ASN A 417 -3.65 22.23 15.77
C ASN A 417 -3.62 21.63 17.17
N LYS A 418 -3.38 22.46 18.19
CA LYS A 418 -3.27 21.96 19.56
C LYS A 418 -4.55 21.28 20.02
N VAL A 419 -5.72 21.82 19.65
CA VAL A 419 -6.96 21.19 20.08
C VAL A 419 -7.18 19.86 19.37
N ASN A 420 -6.71 19.75 18.12
CA ASN A 420 -6.83 18.48 17.42
C ASN A 420 -5.80 17.47 17.90
N GLU A 421 -4.61 17.93 18.29
CA GLU A 421 -3.65 17.04 18.93
C GLU A 421 -4.21 16.50 20.24
N ALA A 422 -4.93 17.34 20.98
CA ALA A 422 -5.59 16.89 22.21
C ALA A 422 -6.67 15.86 21.91
N LEU A 423 -7.47 16.09 20.87
CA LEU A 423 -8.51 15.15 20.49
C LEU A 423 -7.92 13.79 20.15
N LEU A 424 -6.85 13.79 19.34
CA LEU A 424 -6.20 12.53 18.99
C LEU A 424 -5.69 11.81 20.22
N GLN A 425 -5.05 12.54 21.14
CA GLN A 425 -4.51 11.90 22.33
C GLN A 425 -5.61 11.31 23.20
N ARG A 426 -6.79 11.95 23.25
CA ARG A 426 -7.89 11.37 24.01
C ARG A 426 -8.42 10.11 23.33
N ILE A 427 -8.49 10.12 22.00
CA ILE A 427 -8.98 8.95 21.27
C ILE A 427 -8.04 7.77 21.52
N ASN A 428 -6.74 7.98 21.30
CA ASN A 428 -5.80 6.87 21.45
C ASN A 428 -5.58 6.49 22.91
N SER A 429 -5.88 7.37 23.85
CA SER A 429 -5.77 7.00 25.26
C SER A 429 -6.98 6.18 25.71
N ALA A 430 -8.16 6.43 25.14
CA ALA A 430 -9.35 5.66 25.53
C ALA A 430 -9.34 4.25 24.94
N LYS A 431 -8.56 4.03 23.88
CA LYS A 431 -8.34 2.70 23.28
C LYS A 431 -9.63 2.00 22.88
N LYS A 432 -10.66 2.75 22.52
CA LYS A 432 -11.86 2.13 21.96
C LYS A 432 -11.74 1.99 20.44
N ILE A 433 -11.20 3.00 19.76
CA ILE A 433 -10.92 2.94 18.34
C ILE A 433 -9.48 3.36 18.12
N HIS A 434 -8.99 3.15 16.90
CA HIS A 434 -7.63 3.51 16.56
C HIS A 434 -7.61 4.29 15.25
N LEU A 435 -7.03 5.48 15.27
CA LEU A 435 -6.78 6.22 14.04
C LEU A 435 -5.50 7.01 14.20
N VAL A 436 -5.00 7.54 13.09
CA VAL A 436 -3.73 8.26 13.09
C VAL A 436 -3.92 9.60 12.39
N PRO A 437 -3.04 10.57 12.64
CA PRO A 437 -3.18 11.86 11.98
C PRO A 437 -2.25 12.03 10.81
N CYS A 438 -2.30 13.21 10.20
CA CYS A 438 -1.31 13.63 9.22
C CYS A 438 -1.25 15.14 9.27
N HIS A 439 -0.29 15.71 8.53
CA HIS A 439 -0.20 17.14 8.33
C HIS A 439 -0.50 17.46 6.89
N LEU A 440 -1.37 18.44 6.66
CA LEU A 440 -1.65 18.98 5.34
C LEU A 440 -1.18 20.42 5.38
N ARG A 441 -0.02 20.69 4.78
CA ARG A 441 0.69 21.96 4.93
C ARG A 441 0.99 22.11 6.42
N ASP A 442 0.61 23.20 7.07
CA ASP A 442 0.85 23.40 8.49
C ASP A 442 -0.30 22.89 9.36
N LYS A 443 -1.29 22.23 8.77
CA LYS A 443 -2.53 21.91 9.46
C LYS A 443 -2.51 20.47 9.95
N PHE A 444 -2.72 20.27 11.24
CA PHE A 444 -2.81 18.95 11.84
C PHE A 444 -4.21 18.38 11.61
N VAL A 445 -4.28 17.18 11.01
CA VAL A 445 -5.53 16.63 10.52
C VAL A 445 -5.68 15.19 11.00
N LEU A 446 -6.89 14.82 11.42
CA LEU A 446 -7.17 13.42 11.76
C LEU A 446 -7.62 12.67 10.52
N ARG A 447 -7.21 11.41 10.41
CA ARG A 447 -7.63 10.54 9.33
C ARG A 447 -8.53 9.44 9.88
N PHE A 448 -9.59 9.14 9.13
CA PHE A 448 -10.49 8.03 9.43
C PHE A 448 -10.48 7.13 8.20
N ALA A 449 -9.83 5.98 8.31
CA ALA A 449 -9.68 5.04 7.22
C ALA A 449 -10.56 3.81 7.46
N ILE A 450 -11.36 3.45 6.46
CA ILE A 450 -12.16 2.23 6.55
C ILE A 450 -11.25 1.04 6.25
N CYS A 451 -11.09 0.15 7.22
CA CYS A 451 -10.02 -0.86 7.14
C CYS A 451 -10.54 -2.30 7.18
N SER A 452 -11.27 -2.68 8.22
CA SER A 452 -11.54 -4.09 8.44
C SER A 452 -12.44 -4.68 7.37
N ARG A 453 -12.16 -5.93 6.99
CA ARG A 453 -13.04 -6.62 6.06
C ARG A 453 -14.44 -6.76 6.63
N THR A 454 -14.58 -6.82 7.96
CA THR A 454 -15.88 -7.05 8.58
C THR A 454 -16.49 -5.79 9.20
N VAL A 455 -15.97 -4.61 8.87
CA VAL A 455 -16.56 -3.38 9.42
C VAL A 455 -17.95 -3.16 8.83
N GLU A 456 -18.84 -2.59 9.63
CA GLU A 456 -20.23 -2.34 9.27
C GLU A 456 -20.59 -0.91 9.65
N SER A 457 -21.75 -0.45 9.17
CA SER A 457 -22.23 0.89 9.52
C SER A 457 -22.24 1.10 11.02
N ALA A 458 -22.68 0.07 11.77
CA ALA A 458 -22.80 0.23 13.22
C ALA A 458 -21.45 0.59 13.85
N HIS A 459 -20.36 -0.01 13.37
CA HIS A 459 -19.04 0.32 13.89
C HIS A 459 -18.66 1.76 13.58
N VAL A 460 -18.87 2.19 12.32
CA VAL A 460 -18.56 3.55 11.91
C VAL A 460 -19.36 4.56 12.74
N GLN A 461 -20.63 4.25 13.00
CA GLN A 461 -21.46 5.18 13.76
C GLN A 461 -21.02 5.26 15.22
N ARG A 462 -20.67 4.12 15.83
CA ARG A 462 -20.18 4.16 17.21
C ARG A 462 -18.84 4.89 17.30
N ALA A 463 -18.00 4.74 16.27
CA ALA A 463 -16.72 5.45 16.28
C ALA A 463 -16.92 6.94 16.23
N TRP A 464 -17.85 7.41 15.38
CA TRP A 464 -18.13 8.83 15.32
C TRP A 464 -18.74 9.33 16.63
N GLU A 465 -19.66 8.56 17.21
CA GLU A 465 -20.23 8.92 18.50
C GLU A 465 -19.14 9.12 19.55
N HIS A 466 -18.17 8.22 19.56
CA HIS A 466 -17.01 8.33 20.45
C HIS A 466 -16.20 9.58 20.16
N ILE A 467 -15.83 9.80 18.90
CA ILE A 467 -15.08 11.00 18.52
C ILE A 467 -15.85 12.26 18.91
N LYS A 468 -17.15 12.29 18.64
CA LYS A 468 -17.93 13.47 18.96
C LYS A 468 -17.92 13.76 20.46
N GLU A 469 -17.99 12.71 21.28
CA GLU A 469 -18.01 12.90 22.73
C GLU A 469 -16.67 13.45 23.23
N LEU A 470 -15.56 12.89 22.76
CA LEU A 470 -14.25 13.35 23.18
C LEU A 470 -13.98 14.79 22.72
N ALA A 471 -14.54 15.19 21.58
CA ALA A 471 -14.34 16.55 21.10
C ALA A 471 -14.94 17.58 22.05
N ALA A 472 -16.09 17.26 22.65
CA ALA A 472 -16.71 18.19 23.60
C ALA A 472 -15.80 18.41 24.81
N ASP A 473 -15.26 17.33 25.37
CA ASP A 473 -14.35 17.47 26.51
C ASP A 473 -13.12 18.28 26.14
N VAL A 474 -12.58 18.04 24.94
CA VAL A 474 -11.35 18.72 24.52
C VAL A 474 -11.63 20.20 24.29
N LEU A 475 -12.75 20.54 23.64
CA LEU A 475 -13.08 21.95 23.43
C LEU A 475 -13.33 22.66 24.75
N ARG A 476 -13.88 21.96 25.74
CA ARG A 476 -14.07 22.54 27.07
C ARG A 476 -12.72 22.93 27.67
N ALA A 477 -11.76 21.99 27.65
CA ALA A 477 -10.46 22.23 28.27
C ALA A 477 -9.68 23.34 27.60
N GLU A 478 -9.98 23.66 26.35
CA GLU A 478 -9.28 24.75 25.67
C GLU A 478 -9.75 26.13 26.12
N ARG A 479 -10.98 26.24 26.63
CA ARG A 479 -11.46 27.51 27.18
C ARG A 479 -11.19 27.61 28.68
N GLU A 480 -9.95 27.30 29.06
CA GLU A 480 -9.51 27.38 30.46
C GLU A 480 -8.00 27.19 30.56
#